data_3Q58
#
_entry.id   3Q58
#
_cell.length_a   81.153
_cell.length_b   139.310
_cell.length_c   38.423
_cell.angle_alpha   90.00
_cell.angle_beta   90.00
_cell.angle_gamma   90.00
#
_symmetry.space_group_name_H-M   'P 21 21 2'
#
loop_
_entity.id
_entity.type
_entity.pdbx_description
1 polymer 'N-acetylmannosamine-6-phosphate 2-epimerase'
2 non-polymer DI(HYDROXYETHYL)ETHER
3 non-polymer 2-[BIS-(2-HYDROXY-ETHYL)-AMINO]-2-HYDROXYMETHYL-PROPANE-1,3-DIOL
4 non-polymer 'CHLORIDE ION'
5 water water
#
_entity_poly.entity_id   1
_entity_poly.type   'polypeptide(L)'
_entity_poly.pdbx_seq_one_letter_code
;SNA(MSE)SLLARLEQSVHENGGLIVSCQPVPGSP(MSE)DKPEIVAA(MSE)AQAAASAGAVAVRIEGIENLRTVRPHL
SVPIIGIIKRDLTGSPVRITPYLQDVDALAQAGADIIAFDASFRSRPVDIDSLLTRIRLHGLLA(MSE)ADCSTVNEGIS
CHQKGIEFIGTTLSGYTGPITPVEPDLA(MSE)VTQLSHAGCRVIAEGRYNTPALAANAIEHGAWAVTVGSAITRIEHIC
QWFSHAVKR
;
_entity_poly.pdbx_strand_id   A,B
#
loop_
_chem_comp.id
_chem_comp.type
_chem_comp.name
_chem_comp.formula
BTB non-polymer 2-[BIS-(2-HYDROXY-ETHYL)-AMINO]-2-HYDROXYMETHYL-PROPANE-1,3-DIOL 'C8 H19 N O5'
CL non-polymer 'CHLORIDE ION' 'Cl -1'
PEG non-polymer DI(HYDROXYETHYL)ETHER 'C4 H10 O3'
#
# COMPACT_ATOMS: atom_id res chain seq x y z
N SER A 1 -31.03 19.02 6.28
CA SER A 1 -31.19 17.69 5.71
C SER A 1 -30.02 16.81 6.12
N ASN A 2 -30.17 15.50 5.99
CA ASN A 2 -29.09 14.59 6.29
C ASN A 2 -27.89 14.84 5.39
N ALA A 3 -28.15 15.29 4.17
CA ALA A 3 -27.07 15.58 3.23
C ALA A 3 -26.26 16.81 3.68
N MSE A 4 -26.96 17.87 4.10
CA MSE A 4 -26.28 19.08 4.56
C MSE A 4 -25.53 18.84 5.88
O MSE A 4 -24.43 19.36 6.08
CB MSE A 4 -27.25 20.25 4.68
CG MSE A 4 -27.80 20.79 3.34
SE MSE A 4 -26.38 21.33 2.10
CE MSE A 4 -26.06 19.63 1.22
N SER A 5 -26.12 18.05 6.77
CA SER A 5 -25.42 17.72 8.02
C SER A 5 -24.21 16.82 7.77
N LEU A 6 -24.31 15.94 6.78
CA LEU A 6 -23.16 15.10 6.44
C LEU A 6 -22.03 15.94 5.84
N LEU A 7 -22.38 16.86 4.94
CA LEU A 7 -21.38 17.76 4.38
C LEU A 7 -20.70 18.58 5.48
N ALA A 8 -21.50 19.11 6.40
CA ALA A 8 -20.98 19.91 7.51
C ALA A 8 -20.02 19.07 8.35
N ARG A 9 -20.39 17.84 8.62
CA ARG A 9 -19.55 16.97 9.45
C ARG A 9 -18.26 16.60 8.71
N LEU A 10 -18.36 16.47 7.39
CA LEU A 10 -17.20 16.14 6.58
C LEU A 10 -16.27 17.35 6.46
N GLU A 11 -16.85 18.54 6.35
CA GLU A 11 -16.05 19.76 6.33
C GLU A 11 -15.30 19.93 7.64
N GLN A 12 -15.99 19.64 8.74
CA GLN A 12 -15.35 19.69 10.04
C GLN A 12 -14.22 18.67 10.13
N SER A 13 -14.50 17.46 9.62
CA SER A 13 -13.53 16.38 9.71
C SER A 13 -12.27 16.67 8.88
N VAL A 14 -12.46 17.26 7.71
CA VAL A 14 -11.35 17.70 6.88
C VAL A 14 -10.56 18.80 7.59
N HIS A 15 -11.27 19.76 8.17
CA HIS A 15 -10.62 20.83 8.92
C HIS A 15 -9.82 20.33 10.14
N GLU A 16 -10.35 19.34 10.86
CA GLU A 16 -9.69 18.84 12.07
C GLU A 16 -8.63 17.77 11.79
N ASN A 17 -8.87 16.94 10.78
CA ASN A 17 -8.05 15.75 10.52
C ASN A 17 -7.21 15.80 9.26
N GLY A 18 -7.47 16.76 8.38
CA GLY A 18 -6.80 16.80 7.10
C GLY A 18 -7.64 16.15 6.01
N GLY A 19 -7.54 16.66 4.79
CA GLY A 19 -8.35 16.17 3.70
C GLY A 19 -7.80 14.97 2.94
N LEU A 20 -7.77 13.81 3.60
CA LEU A 20 -7.35 12.58 2.93
C LEU A 20 -8.55 11.68 2.71
N ILE A 21 -8.77 11.32 1.44
CA ILE A 21 -9.79 10.37 1.06
C ILE A 21 -9.05 9.21 0.43
N VAL A 22 -9.43 8.01 0.77
CA VAL A 22 -8.77 6.86 0.24
C VAL A 22 -9.67 5.98 -0.62
N SER A 23 -9.24 5.72 -1.83
CA SER A 23 -9.99 4.90 -2.76
C SER A 23 -9.57 3.48 -2.63
N CYS A 24 -10.47 2.65 -2.17
CA CYS A 24 -10.23 1.28 -1.95
C CYS A 24 -10.57 0.37 -3.11
N GLN A 25 -9.80 0.49 -4.17
CA GLN A 25 -10.01 -0.29 -5.36
C GLN A 25 -8.78 -1.11 -5.77
N PRO A 26 -8.69 -2.35 -5.32
CA PRO A 26 -7.54 -3.17 -5.73
C PRO A 26 -7.62 -3.46 -7.24
N VAL A 27 -6.53 -3.95 -7.83
CA VAL A 27 -6.57 -4.34 -9.24
C VAL A 27 -7.64 -5.40 -9.40
N PRO A 28 -8.53 -5.24 -10.38
CA PRO A 28 -9.61 -6.23 -10.45
C PRO A 28 -9.09 -7.63 -10.78
N GLY A 29 -9.63 -8.62 -10.09
CA GLY A 29 -9.19 -9.99 -10.29
C GLY A 29 -7.94 -10.34 -9.52
N SER A 30 -7.37 -9.35 -8.82
CA SER A 30 -6.19 -9.55 -7.97
C SER A 30 -6.52 -10.44 -6.77
N PRO A 31 -5.49 -11.06 -6.16
CA PRO A 31 -5.72 -11.75 -4.89
C PRO A 31 -6.36 -10.83 -3.86
N MSE A 32 -6.09 -9.53 -3.97
CA MSE A 32 -6.60 -8.55 -3.02
C MSE A 32 -8.06 -8.14 -3.32
O MSE A 32 -8.71 -7.54 -2.49
CB MSE A 32 -5.72 -7.30 -2.99
CG MSE A 32 -4.26 -7.57 -2.62
SE MSE A 32 -4.12 -8.10 -0.76
CE MSE A 32 -4.48 -6.40 0.10
N ASP A 33 -8.53 -8.48 -4.52
CA ASP A 33 -9.85 -8.08 -4.98
C ASP A 33 -10.94 -9.03 -4.47
N LYS A 34 -11.21 -8.95 -3.16
CA LYS A 34 -12.27 -9.72 -2.50
C LYS A 34 -13.01 -8.73 -1.62
N PRO A 35 -14.33 -8.88 -1.50
CA PRO A 35 -15.10 -7.88 -0.74
C PRO A 35 -14.65 -7.73 0.71
N GLU A 36 -14.31 -8.83 1.38
CA GLU A 36 -13.86 -8.76 2.76
C GLU A 36 -12.51 -8.02 2.88
N ILE A 37 -11.69 -8.15 1.86
CA ILE A 37 -10.40 -7.46 1.86
C ILE A 37 -10.60 -5.98 1.56
N VAL A 38 -11.47 -5.68 0.60
CA VAL A 38 -11.83 -4.28 0.35
C VAL A 38 -12.36 -3.66 1.64
N ALA A 39 -13.23 -4.37 2.35
CA ALA A 39 -13.74 -3.91 3.64
C ALA A 39 -12.60 -3.65 4.64
N ALA A 40 -11.66 -4.58 4.73
CA ALA A 40 -10.54 -4.43 5.65
C ALA A 40 -9.68 -3.21 5.32
N MSE A 41 -9.46 -2.95 4.03
CA MSE A 41 -8.67 -1.78 3.64
C MSE A 41 -9.35 -0.49 4.06
O MSE A 41 -8.70 0.43 4.54
CB MSE A 41 -8.42 -1.71 2.12
CG MSE A 41 -8.56 -3.00 1.36
SE MSE A 41 -8.06 -2.73 -0.52
CE MSE A 41 -6.22 -2.70 -0.23
N ALA A 42 -10.66 -0.44 3.86
CA ALA A 42 -11.44 0.75 4.18
C ALA A 42 -11.40 1.05 5.66
N GLN A 43 -11.56 0.01 6.49
CA GLN A 43 -11.48 0.14 7.93
C GLN A 43 -10.09 0.58 8.38
N ALA A 44 -9.07 -0.03 7.79
CA ALA A 44 -7.69 0.35 8.09
C ALA A 44 -7.42 1.81 7.75
N ALA A 45 -7.77 2.22 6.53
CA ALA A 45 -7.60 3.62 6.15
C ALA A 45 -8.34 4.59 7.06
N ALA A 46 -9.59 4.27 7.41
CA ALA A 46 -10.39 5.16 8.25
C ALA A 46 -9.83 5.24 9.67
N SER A 47 -9.10 4.22 10.08
CA SER A 47 -8.51 4.20 11.41
C SER A 47 -7.23 5.05 11.44
N ALA A 48 -6.73 5.41 10.27
CA ALA A 48 -5.41 6.01 10.17
C ALA A 48 -5.37 7.32 9.39
N GLY A 49 -6.49 8.03 9.34
CA GLY A 49 -6.53 9.36 8.74
C GLY A 49 -7.49 9.63 7.59
N ALA A 50 -8.05 8.58 6.99
CA ALA A 50 -8.99 8.79 5.89
C ALA A 50 -10.28 9.35 6.45
N VAL A 51 -10.71 10.51 5.95
CA VAL A 51 -11.97 11.12 6.38
C VAL A 51 -13.16 10.54 5.63
N ALA A 52 -12.87 9.79 4.57
CA ALA A 52 -13.88 9.09 3.79
C ALA A 52 -13.16 8.14 2.88
N VAL A 53 -13.91 7.22 2.27
CA VAL A 53 -13.35 6.27 1.33
C VAL A 53 -14.16 6.25 0.03
N ARG A 54 -13.52 5.84 -1.06
CA ARG A 54 -14.28 5.57 -2.31
C ARG A 54 -14.29 4.05 -2.52
N ILE A 55 -15.47 3.51 -2.80
CA ILE A 55 -15.67 2.09 -3.01
C ILE A 55 -16.37 1.87 -4.35
N GLU A 56 -15.87 0.93 -5.16
CA GLU A 56 -16.53 0.56 -6.41
C GLU A 56 -17.29 -0.75 -6.24
N GLY A 57 -18.55 -0.78 -6.64
CA GLY A 57 -19.28 -2.04 -6.73
C GLY A 57 -20.22 -2.33 -5.58
N ILE A 58 -21.36 -2.90 -5.90
CA ILE A 58 -22.40 -3.14 -4.91
C ILE A 58 -21.97 -4.14 -3.83
N GLU A 59 -21.38 -5.26 -4.25
CA GLU A 59 -20.98 -6.29 -3.29
C GLU A 59 -19.92 -5.76 -2.32
N ASN A 60 -18.93 -5.03 -2.83
CA ASN A 60 -17.95 -4.40 -1.96
C ASN A 60 -18.62 -3.44 -0.98
N LEU A 61 -19.47 -2.56 -1.50
CA LEU A 61 -20.10 -1.55 -0.66
C LEU A 61 -20.97 -2.18 0.43
N ARG A 62 -21.74 -3.20 0.08
CA ARG A 62 -22.59 -3.87 1.08
C ARG A 62 -21.77 -4.53 2.17
N THR A 63 -20.59 -5.02 1.81
CA THR A 63 -19.70 -5.69 2.75
C THR A 63 -19.02 -4.67 3.67
N VAL A 64 -18.61 -3.55 3.08
CA VAL A 64 -17.94 -2.45 3.78
C VAL A 64 -18.87 -1.71 4.75
N ARG A 65 -20.06 -1.37 4.28
CA ARG A 65 -20.94 -0.39 4.94
C ARG A 65 -21.17 -0.59 6.44
N PRO A 66 -21.53 -1.81 6.84
CA PRO A 66 -21.94 -2.04 8.24
C PRO A 66 -20.80 -1.85 9.23
N HIS A 67 -19.57 -1.90 8.74
CA HIS A 67 -18.40 -1.88 9.61
C HIS A 67 -17.57 -0.62 9.43
N LEU A 68 -18.15 0.40 8.82
CA LEU A 68 -17.40 1.63 8.52
C LEU A 68 -18.20 2.85 8.94
N SER A 69 -17.59 3.74 9.71
CA SER A 69 -18.30 4.89 10.25
C SER A 69 -18.08 6.19 9.47
N VAL A 70 -17.09 6.23 8.60
CA VAL A 70 -16.87 7.43 7.78
C VAL A 70 -17.73 7.39 6.51
N PRO A 71 -17.88 8.54 5.85
CA PRO A 71 -18.67 8.54 4.61
C PRO A 71 -18.06 7.69 3.50
N ILE A 72 -18.93 7.11 2.68
CA ILE A 72 -18.49 6.32 1.55
C ILE A 72 -18.92 7.02 0.27
N ILE A 73 -17.96 7.26 -0.61
CA ILE A 73 -18.24 7.70 -1.97
C ILE A 73 -18.37 6.45 -2.83
N GLY A 74 -19.57 6.20 -3.34
CA GLY A 74 -19.79 4.99 -4.13
C GLY A 74 -19.83 5.22 -5.62
N ILE A 75 -19.25 4.28 -6.37
CA ILE A 75 -19.35 4.25 -7.83
C ILE A 75 -19.59 2.82 -8.31
N ILE A 76 -20.04 2.70 -9.54
CA ILE A 76 -20.10 1.43 -10.24
C ILE A 76 -19.33 1.66 -11.51
N LYS A 77 -18.45 0.73 -11.88
CA LYS A 77 -17.75 0.84 -13.14
C LYS A 77 -18.31 -0.18 -14.13
N ARG A 78 -18.75 0.30 -15.29
CA ARG A 78 -19.25 -0.57 -16.34
C ARG A 78 -18.43 -0.38 -17.60
N ASP A 79 -18.52 -1.34 -18.52
CA ASP A 79 -17.94 -1.19 -19.83
C ASP A 79 -19.03 -1.27 -20.88
N LEU A 80 -19.20 -0.18 -21.61
CA LEU A 80 -20.32 -0.02 -22.53
C LEU A 80 -19.84 -0.11 -23.97
N THR A 81 -20.73 -0.55 -24.85
CA THR A 81 -20.42 -0.70 -26.27
C THR A 81 -20.22 0.63 -27.02
N GLY A 82 -21.15 1.55 -26.85
CA GLY A 82 -21.14 2.76 -27.67
C GLY A 82 -20.50 3.95 -27.00
N SER A 83 -20.24 3.85 -25.71
CA SER A 83 -19.74 4.98 -24.93
C SER A 83 -18.46 4.63 -24.17
N PRO A 84 -17.51 5.58 -24.09
CA PRO A 84 -16.29 5.39 -23.30
C PRO A 84 -16.49 5.64 -21.81
N VAL A 85 -17.66 6.14 -21.42
CA VAL A 85 -17.95 6.40 -20.00
C VAL A 85 -18.06 5.10 -19.20
N ARG A 86 -17.41 5.05 -18.02
CA ARG A 86 -17.45 3.87 -17.17
C ARG A 86 -18.05 4.12 -15.78
N ILE A 87 -17.84 5.31 -15.23
CA ILE A 87 -18.16 5.54 -13.82
C ILE A 87 -19.61 5.95 -13.61
N THR A 88 -20.40 5.04 -13.04
CA THR A 88 -21.80 5.28 -12.67
C THR A 88 -22.63 5.90 -13.81
N PRO A 89 -22.72 5.20 -14.94
CA PRO A 89 -23.36 5.80 -16.12
C PRO A 89 -24.88 5.73 -16.15
N TYR A 90 -25.49 4.85 -15.35
CA TYR A 90 -26.93 4.63 -15.41
C TYR A 90 -27.71 5.07 -14.16
N LEU A 91 -28.97 5.42 -14.35
CA LEU A 91 -29.83 5.78 -13.24
C LEU A 91 -29.95 4.61 -12.26
N GLN A 92 -29.96 3.40 -12.81
CA GLN A 92 -30.04 2.17 -12.03
C GLN A 92 -28.81 2.00 -11.13
N ASP A 93 -27.67 2.50 -11.60
CA ASP A 93 -26.44 2.47 -10.81
C ASP A 93 -26.55 3.39 -9.60
N VAL A 94 -27.14 4.56 -9.82
CA VAL A 94 -27.39 5.48 -8.71
C VAL A 94 -28.31 4.84 -7.69
N ASP A 95 -29.38 4.23 -8.16
CA ASP A 95 -30.34 3.59 -7.26
C ASP A 95 -29.67 2.51 -6.42
N ALA A 96 -28.88 1.66 -7.07
CA ALA A 96 -28.23 0.55 -6.38
C ALA A 96 -27.23 1.05 -5.34
N LEU A 97 -26.48 2.09 -5.70
CA LEU A 97 -25.48 2.62 -4.79
C LEU A 97 -26.15 3.23 -3.56
N ALA A 98 -27.25 3.94 -3.81
CA ALA A 98 -28.01 4.55 -2.71
C ALA A 98 -28.56 3.46 -1.78
N GLN A 99 -29.09 2.39 -2.37
CA GLN A 99 -29.69 1.31 -1.59
C GLN A 99 -28.64 0.55 -0.78
N ALA A 100 -27.40 0.52 -1.27
CA ALA A 100 -26.32 -0.23 -0.62
C ALA A 100 -25.62 0.58 0.46
N GLY A 101 -25.92 1.87 0.54
CA GLY A 101 -25.44 2.68 1.64
C GLY A 101 -24.41 3.74 1.31
N ALA A 102 -24.20 4.04 0.03
CA ALA A 102 -23.31 5.14 -0.32
C ALA A 102 -23.83 6.45 0.30
N ASP A 103 -22.91 7.29 0.77
CA ASP A 103 -23.31 8.59 1.33
C ASP A 103 -23.20 9.65 0.24
N ILE A 104 -22.25 9.43 -0.64
CA ILE A 104 -21.96 10.34 -1.75
C ILE A 104 -21.87 9.49 -3.01
N ILE A 105 -22.48 9.93 -4.10
CA ILE A 105 -22.40 9.19 -5.34
C ILE A 105 -21.56 9.95 -6.35
N ALA A 106 -20.50 9.31 -6.84
CA ALA A 106 -19.67 9.91 -7.88
C ALA A 106 -20.04 9.32 -9.23
N PHE A 107 -19.90 10.13 -10.27
CA PHE A 107 -20.26 9.70 -11.60
C PHE A 107 -19.41 10.46 -12.60
N ASP A 108 -19.20 9.85 -13.76
CA ASP A 108 -18.48 10.48 -14.85
C ASP A 108 -19.25 11.73 -15.29
N ALA A 109 -18.60 12.90 -15.22
CA ALA A 109 -19.23 14.14 -15.67
C ALA A 109 -18.52 14.77 -16.88
N SER A 110 -17.96 13.91 -17.74
CA SER A 110 -17.25 14.37 -18.93
C SER A 110 -18.20 14.73 -20.07
N PHE A 111 -17.73 15.60 -20.98
CA PHE A 111 -18.53 15.96 -22.16
C PHE A 111 -18.30 14.94 -23.26
N ARG A 112 -18.75 13.72 -23.04
CA ARG A 112 -18.56 12.65 -24.01
C ARG A 112 -19.86 11.92 -24.25
N SER A 113 -19.93 11.19 -25.35
CA SER A 113 -21.11 10.38 -25.66
C SER A 113 -21.39 9.44 -24.49
N ARG A 114 -22.65 9.37 -24.07
CA ARG A 114 -23.01 8.69 -22.83
C ARG A 114 -24.51 8.36 -22.86
N PRO A 115 -24.94 7.33 -22.12
CA PRO A 115 -26.33 6.83 -22.17
C PRO A 115 -27.34 7.69 -21.41
N VAL A 116 -26.87 8.35 -20.34
CA VAL A 116 -27.73 9.19 -19.51
C VAL A 116 -27.03 10.54 -19.33
N ASP A 117 -27.77 11.63 -19.54
CA ASP A 117 -27.14 12.93 -19.40
C ASP A 117 -26.82 13.25 -17.93
N ILE A 118 -25.86 14.16 -17.73
CA ILE A 118 -25.40 14.47 -16.38
C ILE A 118 -26.54 14.99 -15.48
N ASP A 119 -27.37 15.87 -16.03
CA ASP A 119 -28.46 16.44 -15.25
C ASP A 119 -29.42 15.38 -14.72
N SER A 120 -29.67 14.34 -15.52
CA SER A 120 -30.53 13.24 -15.10
C SER A 120 -29.89 12.38 -14.00
N LEU A 121 -28.59 12.13 -14.12
CA LEU A 121 -27.87 11.42 -13.07
C LEU A 121 -27.95 12.21 -11.78
N LEU A 122 -27.69 13.51 -11.86
CA LEU A 122 -27.74 14.37 -10.69
C LEU A 122 -29.15 14.42 -10.07
N THR A 123 -30.17 14.52 -10.89
CA THR A 123 -31.53 14.54 -10.35
C THR A 123 -31.78 13.27 -9.54
N ARG A 124 -31.33 12.14 -10.08
CA ARG A 124 -31.54 10.85 -9.45
C ARG A 124 -30.79 10.76 -8.11
N ILE A 125 -29.60 11.33 -8.06
CA ILE A 125 -28.86 11.41 -6.80
C ILE A 125 -29.64 12.26 -5.80
N ARG A 126 -30.12 13.42 -6.25
CA ARG A 126 -30.85 14.34 -5.39
CA ARG A 126 -30.88 14.35 -5.41
C ARG A 126 -32.17 13.72 -4.92
N LEU A 127 -32.76 12.88 -5.76
CA LEU A 127 -33.97 12.16 -5.43
C LEU A 127 -33.78 11.31 -4.18
N HIS A 128 -32.57 10.75 -4.02
CA HIS A 128 -32.26 9.90 -2.87
C HIS A 128 -31.77 10.70 -1.66
N GLY A 129 -31.69 12.01 -1.83
CA GLY A 129 -31.24 12.89 -0.76
C GLY A 129 -29.78 12.72 -0.42
N LEU A 130 -28.99 12.31 -1.39
CA LEU A 130 -27.55 12.11 -1.20
C LEU A 130 -26.73 13.25 -1.82
N LEU A 131 -25.47 13.34 -1.42
CA LEU A 131 -24.52 14.28 -2.01
C LEU A 131 -23.95 13.72 -3.29
N ALA A 132 -23.53 14.60 -4.19
CA ALA A 132 -23.08 14.19 -5.50
C ALA A 132 -21.63 14.60 -5.70
N MSE A 133 -20.87 13.74 -6.37
CA MSE A 133 -19.51 14.07 -6.74
C MSE A 133 -19.33 13.93 -8.25
O MSE A 133 -19.64 12.89 -8.81
CB MSE A 133 -18.51 13.18 -5.99
CG MSE A 133 -17.11 13.33 -6.54
SE MSE A 133 -15.78 12.53 -5.37
CE MSE A 133 -14.23 13.18 -6.36
N ALA A 134 -18.86 14.98 -8.90
CA ALA A 134 -18.65 14.93 -10.34
C ALA A 134 -17.18 14.58 -10.64
N ASP A 135 -16.96 13.41 -11.25
CA ASP A 135 -15.64 13.05 -11.74
C ASP A 135 -15.39 13.73 -13.09
N CYS A 136 -14.56 14.76 -13.09
CA CYS A 136 -14.36 15.60 -14.25
C CYS A 136 -13.00 15.43 -14.89
N SER A 137 -12.87 15.85 -16.15
CA SER A 137 -11.61 15.71 -16.86
C SER A 137 -11.04 17.04 -17.31
N THR A 138 -11.87 18.08 -17.30
CA THR A 138 -11.42 19.40 -17.73
C THR A 138 -11.96 20.48 -16.81
N VAL A 139 -11.33 21.64 -16.82
CA VAL A 139 -11.83 22.77 -16.05
C VAL A 139 -13.28 23.11 -16.44
N ASN A 140 -13.56 23.25 -17.74
CA ASN A 140 -14.91 23.57 -18.20
C ASN A 140 -15.96 22.57 -17.70
N GLU A 141 -15.59 21.30 -17.68
CA GLU A 141 -16.50 20.29 -17.13
C GLU A 141 -16.75 20.53 -15.63
N GLY A 142 -15.68 20.84 -14.91
CA GLY A 142 -15.78 21.15 -13.49
C GLY A 142 -16.63 22.36 -13.18
N ILE A 143 -16.38 23.44 -13.92
CA ILE A 143 -17.19 24.66 -13.80
C ILE A 143 -18.68 24.38 -14.09
N SER A 144 -18.95 23.64 -15.17
CA SER A 144 -20.33 23.32 -15.52
C SER A 144 -21.03 22.58 -14.38
N CYS A 145 -20.33 21.65 -13.74
CA CYS A 145 -20.94 20.89 -12.64
C CYS A 145 -21.11 21.74 -11.38
N HIS A 146 -20.16 22.64 -11.16
CA HIS A 146 -20.23 23.59 -10.06
C HIS A 146 -21.48 24.46 -10.19
N GLN A 147 -21.75 24.89 -11.42
CA GLN A 147 -22.92 25.74 -11.68
C GLN A 147 -24.23 25.02 -11.31
N LYS A 148 -24.23 23.69 -11.40
CA LYS A 148 -25.40 22.88 -11.06
C LYS A 148 -25.59 22.72 -9.55
N GLY A 149 -24.60 23.16 -8.78
CA GLY A 149 -24.68 23.03 -7.33
C GLY A 149 -24.12 21.72 -6.80
N ILE A 150 -23.36 21.00 -7.62
CA ILE A 150 -22.75 19.75 -7.17
C ILE A 150 -21.73 20.00 -6.08
N GLU A 151 -21.85 19.25 -4.98
CA GLU A 151 -21.05 19.51 -3.77
C GLU A 151 -19.54 19.24 -3.91
N PHE A 152 -19.18 18.21 -4.67
CA PHE A 152 -17.78 17.82 -4.79
C PHE A 152 -17.36 17.73 -6.26
N ILE A 153 -16.33 18.47 -6.63
CA ILE A 153 -15.86 18.49 -8.01
C ILE A 153 -14.51 17.78 -8.08
N GLY A 154 -14.48 16.63 -8.75
CA GLY A 154 -13.27 15.82 -8.81
C GLY A 154 -12.45 16.00 -10.07
N THR A 155 -11.14 15.84 -9.97
CA THR A 155 -10.28 15.93 -11.15
C THR A 155 -9.98 14.51 -11.64
N THR A 156 -10.76 13.58 -11.11
CA THR A 156 -10.62 12.15 -11.37
C THR A 156 -10.29 11.70 -12.78
N LEU A 157 -10.93 12.29 -13.79
CA LEU A 157 -10.80 11.78 -15.15
C LEU A 157 -9.75 12.52 -15.97
N SER A 158 -9.11 13.52 -15.37
CA SER A 158 -8.13 14.30 -16.12
C SER A 158 -6.96 13.39 -16.47
N GLY A 159 -6.70 13.25 -17.77
CA GLY A 159 -5.62 12.40 -18.23
C GLY A 159 -6.10 11.05 -18.70
N TYR A 160 -7.40 10.79 -18.58
CA TYR A 160 -7.96 9.49 -18.91
C TYR A 160 -9.02 9.55 -20.01
N THR A 161 -9.13 10.70 -20.67
CA THR A 161 -10.10 10.88 -21.76
C THR A 161 -9.42 11.35 -23.03
N GLY A 162 -8.15 11.74 -22.91
CA GLY A 162 -7.39 12.26 -24.03
C GLY A 162 -6.46 11.22 -24.61
N PRO A 163 -5.42 11.67 -25.33
CA PRO A 163 -4.51 10.76 -26.04
C PRO A 163 -3.54 10.01 -25.12
N ILE A 164 -2.99 10.67 -24.12
CA ILE A 164 -2.09 10.01 -23.17
C ILE A 164 -2.29 10.51 -21.75
N THR A 165 -1.92 9.66 -20.79
CA THR A 165 -1.97 10.06 -19.39
C THR A 165 -0.63 10.66 -19.00
N PRO A 166 -0.63 11.92 -18.56
CA PRO A 166 0.62 12.53 -18.07
C PRO A 166 1.09 11.78 -16.83
N VAL A 167 2.37 11.94 -16.50
CA VAL A 167 2.89 11.29 -15.30
C VAL A 167 2.44 12.06 -14.07
N GLU A 168 2.55 13.38 -14.14
CA GLU A 168 2.21 14.23 -13.01
C GLU A 168 0.70 14.42 -12.91
N PRO A 169 0.20 14.69 -11.70
CA PRO A 169 -1.23 14.96 -11.51
C PRO A 169 -1.60 16.31 -12.13
N ASP A 170 -2.88 16.51 -12.39
CA ASP A 170 -3.33 17.76 -13.01
C ASP A 170 -3.53 18.85 -11.95
N LEU A 171 -2.44 19.53 -11.59
CA LEU A 171 -2.49 20.55 -10.56
C LEU A 171 -3.09 21.86 -11.07
N ALA A 172 -2.99 22.09 -12.37
CA ALA A 172 -3.53 23.30 -12.97
C ALA A 172 -5.06 23.30 -12.86
N MSE A 173 -5.66 22.14 -13.06
CA MSE A 173 -7.09 21.99 -12.95
C MSE A 173 -7.56 22.23 -11.52
O MSE A 173 -8.56 22.90 -11.29
CB MSE A 173 -7.52 20.60 -13.43
CG MSE A 173 -9.03 20.38 -13.36
SE MSE A 173 -9.46 18.75 -14.29
CE MSE A 173 -11.30 18.46 -13.65
N VAL A 174 -6.83 21.66 -10.56
CA VAL A 174 -7.09 21.93 -9.15
C VAL A 174 -7.03 23.43 -8.89
N THR A 175 -5.96 24.06 -9.35
CA THR A 175 -5.73 25.47 -9.12
C THR A 175 -6.89 26.30 -9.68
N GLN A 176 -7.23 26.05 -10.93
CA GLN A 176 -8.24 26.87 -11.61
C GLN A 176 -9.64 26.64 -11.06
N LEU A 177 -9.99 25.39 -10.77
CA LEU A 177 -11.31 25.10 -10.23
C LEU A 177 -11.49 25.63 -8.81
N SER A 178 -10.49 25.42 -7.95
CA SER A 178 -10.62 25.86 -6.56
C SER A 178 -10.76 27.37 -6.48
N HIS A 179 -10.03 28.08 -7.32
CA HIS A 179 -10.08 29.55 -7.27
C HIS A 179 -11.31 30.12 -7.97
N ALA A 180 -12.10 29.25 -8.58
CA ALA A 180 -13.38 29.63 -9.15
C ALA A 180 -14.52 29.30 -8.19
N GLY A 181 -14.16 28.86 -7.00
CA GLY A 181 -15.15 28.56 -5.96
C GLY A 181 -15.57 27.11 -5.80
N CYS A 182 -14.99 26.19 -6.58
CA CYS A 182 -15.35 24.78 -6.48
C CYS A 182 -14.78 24.16 -5.20
N ARG A 183 -15.54 23.27 -4.58
CA ARG A 183 -14.97 22.42 -3.53
C ARG A 183 -14.30 21.25 -4.27
N VAL A 184 -12.99 21.34 -4.44
CA VAL A 184 -12.26 20.40 -5.28
C VAL A 184 -11.73 19.19 -4.53
N ILE A 185 -12.00 18.01 -5.07
CA ILE A 185 -11.31 16.81 -4.63
C ILE A 185 -10.28 16.42 -5.67
N ALA A 186 -9.00 16.60 -5.33
CA ALA A 186 -7.92 16.26 -6.25
C ALA A 186 -7.79 14.75 -6.29
N GLU A 187 -7.86 14.19 -7.49
CA GLU A 187 -7.89 12.74 -7.62
C GLU A 187 -7.26 12.32 -8.95
N GLY A 188 -6.33 11.36 -8.88
CA GLY A 188 -5.63 10.88 -10.05
C GLY A 188 -4.13 11.16 -9.96
N ARG A 189 -3.36 10.10 -9.73
CA ARG A 189 -1.88 10.17 -9.72
C ARG A 189 -1.26 10.91 -8.53
N TYR A 190 -2.02 11.10 -7.46
CA TYR A 190 -1.46 11.65 -6.22
C TYR A 190 -0.82 10.52 -5.41
N ASN A 191 0.27 9.98 -5.93
CA ASN A 191 0.82 8.75 -5.40
C ASN A 191 2.08 8.92 -4.52
N THR A 192 2.38 10.17 -4.15
CA THR A 192 3.33 10.44 -3.08
C THR A 192 2.74 11.50 -2.15
N PRO A 193 3.12 11.46 -0.86
CA PRO A 193 2.62 12.44 0.09
C PRO A 193 2.92 13.88 -0.34
N ALA A 194 4.09 14.10 -0.91
CA ALA A 194 4.45 15.44 -1.41
C ALA A 194 3.45 15.93 -2.48
N LEU A 195 3.05 15.05 -3.39
CA LEU A 195 2.12 15.42 -4.44
C LEU A 195 0.75 15.77 -3.84
N ALA A 196 0.32 14.95 -2.90
CA ALA A 196 -0.92 15.22 -2.18
C ALA A 196 -0.86 16.57 -1.46
N ALA A 197 0.27 16.86 -0.82
CA ALA A 197 0.44 18.16 -0.17
C ALA A 197 0.34 19.27 -1.22
N ASN A 198 0.90 19.01 -2.39
CA ASN A 198 0.90 19.98 -3.49
C ASN A 198 -0.52 20.35 -3.92
N ALA A 199 -1.40 19.36 -3.90
CA ALA A 199 -2.80 19.60 -4.29
C ALA A 199 -3.48 20.54 -3.29
N ILE A 200 -3.28 20.27 -2.01
CA ILE A 200 -3.83 21.13 -0.97
C ILE A 200 -3.29 22.56 -1.12
N GLU A 201 -1.99 22.69 -1.36
CA GLU A 201 -1.37 23.99 -1.54
C GLU A 201 -1.98 24.75 -2.70
N HIS A 202 -2.46 24.01 -3.70
CA HIS A 202 -3.01 24.65 -4.89
C HIS A 202 -4.51 24.87 -4.81
N GLY A 203 -5.09 24.59 -3.64
CA GLY A 203 -6.49 24.92 -3.40
C GLY A 203 -7.46 23.76 -3.22
N ALA A 204 -6.95 22.53 -3.31
CA ALA A 204 -7.82 21.36 -3.17
C ALA A 204 -8.38 21.28 -1.75
N TRP A 205 -9.66 20.96 -1.65
CA TRP A 205 -10.31 20.78 -0.36
C TRP A 205 -9.87 19.45 0.25
N ALA A 206 -9.77 18.44 -0.59
CA ALA A 206 -9.27 17.14 -0.15
C ALA A 206 -8.59 16.46 -1.32
N VAL A 207 -7.85 15.39 -1.01
CA VAL A 207 -7.16 14.61 -2.03
C VAL A 207 -7.55 13.15 -1.85
N THR A 208 -7.90 12.51 -2.95
CA THR A 208 -8.17 11.08 -2.93
C THR A 208 -6.91 10.35 -3.41
N VAL A 209 -6.43 9.41 -2.62
CA VAL A 209 -5.27 8.60 -3.00
C VAL A 209 -5.73 7.17 -3.17
N GLY A 210 -5.34 6.55 -4.28
CA GLY A 210 -5.78 5.20 -4.58
C GLY A 210 -4.63 4.20 -4.60
N SER A 211 -3.99 4.09 -5.75
CA SER A 211 -2.96 3.06 -5.98
C SER A 211 -1.89 2.98 -4.90
N ALA A 212 -1.36 4.13 -4.49
CA ALA A 212 -0.24 4.17 -3.54
C ALA A 212 -0.63 3.57 -2.20
N ILE A 213 -1.93 3.36 -1.98
CA ILE A 213 -2.37 2.81 -0.70
C ILE A 213 -3.02 1.43 -0.84
N THR A 214 -3.80 1.23 -1.90
CA THR A 214 -4.61 0.01 -1.98
C THR A 214 -4.38 -0.85 -3.23
N ARG A 215 -3.37 -0.54 -4.02
CA ARG A 215 -3.04 -1.41 -5.14
C ARG A 215 -1.63 -1.97 -5.03
N ILE A 216 -1.49 -3.07 -4.30
CA ILE A 216 -0.18 -3.67 -4.07
C ILE A 216 0.62 -3.92 -5.35
N GLU A 217 -0.03 -4.46 -6.38
CA GLU A 217 0.66 -4.74 -7.64
C GLU A 217 1.31 -3.51 -8.24
N HIS A 218 0.61 -2.38 -8.18
CA HIS A 218 1.14 -1.14 -8.72
C HIS A 218 2.31 -0.60 -7.89
N ILE A 219 2.18 -0.65 -6.57
CA ILE A 219 3.26 -0.16 -5.71
C ILE A 219 4.52 -1.01 -5.95
N CYS A 220 4.34 -2.32 -6.01
CA CYS A 220 5.46 -3.22 -6.30
C CYS A 220 6.15 -2.90 -7.62
N GLN A 221 5.35 -2.61 -8.65
CA GLN A 221 5.89 -2.25 -9.95
C GLN A 221 6.78 -1.01 -9.84
N TRP A 222 6.36 -0.04 -9.04
CA TRP A 222 7.14 1.19 -8.85
C TRP A 222 8.50 0.89 -8.24
N PHE A 223 8.50 0.06 -7.20
CA PHE A 223 9.74 -0.33 -6.56
C PHE A 223 10.57 -1.25 -7.46
N SER A 224 9.96 -2.18 -8.11
CA SER A 224 10.65 -3.10 -8.98
C SER A 224 11.34 -2.34 -10.08
N HIS A 225 10.68 -1.40 -10.65
CA HIS A 225 11.29 -0.61 -11.63
C HIS A 225 12.51 0.15 -11.13
N ALA A 226 12.43 0.68 -9.92
CA ALA A 226 13.53 1.44 -9.31
C ALA A 226 14.81 0.60 -9.07
N VAL A 227 14.63 -0.62 -8.64
CA VAL A 227 15.75 -1.50 -8.33
C VAL A 227 16.39 -2.23 -9.51
N LYS A 228 15.79 -2.22 -10.68
CA LYS A 228 16.42 -2.94 -11.76
C LYS A 228 17.51 -2.00 -12.15
N ARG A 229 18.71 -2.31 -11.71
CA ARG A 229 19.89 -1.47 -11.96
C ARG A 229 19.67 -0.04 -11.45
N ASN B 2 18.47 -28.31 -3.83
CA ASN B 2 18.67 -28.04 -2.41
C ASN B 2 18.71 -26.55 -2.11
N ALA B 3 19.53 -26.16 -1.14
CA ALA B 3 19.67 -24.76 -0.78
C ALA B 3 20.46 -24.01 -1.85
N MSE B 4 21.41 -24.68 -2.49
CA MSE B 4 22.19 -24.04 -3.53
C MSE B 4 21.35 -23.81 -4.79
O MSE B 4 21.54 -22.82 -5.49
CB MSE B 4 23.43 -24.89 -3.88
CG MSE B 4 24.32 -24.26 -4.95
SE MSE B 4 25.46 -22.80 -4.29
CE MSE B 4 26.81 -23.86 -3.37
N SER B 5 20.44 -24.74 -5.07
CA SER B 5 19.52 -24.61 -6.20
C SER B 5 18.63 -23.39 -6.01
N LEU B 6 18.20 -23.17 -4.78
CA LEU B 6 17.34 -22.04 -4.46
C LEU B 6 18.07 -20.73 -4.63
N LEU B 7 19.31 -20.67 -4.16
CA LEU B 7 20.10 -19.45 -4.25
C LEU B 7 20.35 -19.08 -5.71
N ALA B 8 20.65 -20.09 -6.53
CA ALA B 8 20.93 -19.89 -7.95
C ALA B 8 19.69 -19.38 -8.67
N ARG B 9 18.55 -20.00 -8.36
CA ARG B 9 17.28 -19.58 -8.91
C ARG B 9 17.00 -18.13 -8.51
N LEU B 10 17.19 -17.84 -7.23
CA LEU B 10 16.97 -16.51 -6.70
C LEU B 10 17.95 -15.50 -7.31
N GLU B 11 19.19 -15.93 -7.54
CA GLU B 11 20.15 -15.08 -8.23
C GLU B 11 19.65 -14.74 -9.63
N GLN B 12 19.14 -15.74 -10.33
CA GLN B 12 18.61 -15.55 -11.67
C GLN B 12 17.42 -14.58 -11.66
N SER B 13 16.48 -14.84 -10.76
CA SER B 13 15.29 -14.00 -10.63
C SER B 13 15.62 -12.54 -10.31
N VAL B 14 16.60 -12.31 -9.44
CA VAL B 14 17.05 -10.96 -9.11
C VAL B 14 17.65 -10.25 -10.33
N HIS B 15 18.48 -10.97 -11.08
CA HIS B 15 19.09 -10.41 -12.29
C HIS B 15 18.04 -10.01 -13.34
N GLU B 16 17.03 -10.86 -13.50
CA GLU B 16 16.03 -10.67 -14.54
C GLU B 16 14.94 -9.67 -14.16
N ASN B 17 14.58 -9.65 -12.88
CA ASN B 17 13.43 -8.84 -12.43
C ASN B 17 13.83 -7.62 -11.61
N GLY B 18 15.05 -7.63 -11.09
CA GLY B 18 15.47 -6.61 -10.14
C GLY B 18 15.25 -7.12 -8.72
N GLY B 19 16.12 -6.70 -7.81
CA GLY B 19 16.11 -7.22 -6.45
C GLY B 19 15.11 -6.57 -5.54
N LEU B 20 13.84 -6.95 -5.68
CA LEU B 20 12.80 -6.48 -4.78
C LEU B 20 12.25 -7.62 -3.97
N ILE B 21 12.35 -7.48 -2.66
CA ILE B 21 11.76 -8.41 -1.70
C ILE B 21 10.69 -7.64 -0.92
N VAL B 22 9.51 -8.23 -0.76
CA VAL B 22 8.44 -7.55 -0.05
C VAL B 22 8.13 -8.23 1.27
N SER B 23 8.18 -7.48 2.34
CA SER B 23 7.84 -8.00 3.62
C SER B 23 6.34 -7.81 3.84
N CYS B 24 5.62 -8.89 3.99
CA CYS B 24 4.18 -8.87 4.20
C CYS B 24 3.77 -8.93 5.65
N GLN B 25 4.02 -7.85 6.37
CA GLN B 25 3.68 -7.77 7.78
C GLN B 25 2.78 -6.59 8.11
N PRO B 26 1.46 -6.81 8.18
CA PRO B 26 0.55 -5.69 8.46
C PRO B 26 0.67 -5.28 9.92
N VAL B 27 0.10 -4.14 10.27
CA VAL B 27 0.12 -3.69 11.66
C VAL B 27 -0.60 -4.75 12.52
N PRO B 28 0.05 -5.23 13.59
CA PRO B 28 -0.65 -6.27 14.35
C PRO B 28 -1.98 -5.78 14.91
N GLY B 29 -3.01 -6.61 14.78
CA GLY B 29 -4.33 -6.24 15.24
C GLY B 29 -5.14 -5.47 14.20
N SER B 30 -4.48 -5.03 13.14
CA SER B 30 -5.12 -4.31 12.04
C SER B 30 -6.22 -5.13 11.37
N PRO B 31 -7.22 -4.46 10.76
CA PRO B 31 -8.17 -5.23 9.95
C PRO B 31 -7.46 -6.05 8.88
N MSE B 32 -6.28 -5.60 8.46
CA MSE B 32 -5.49 -6.30 7.46
C MSE B 32 -4.74 -7.49 8.05
O MSE B 32 -4.22 -8.36 7.32
CB MSE B 32 -4.48 -5.34 6.80
CG MSE B 32 -5.11 -4.14 6.13
SE MSE B 32 -6.31 -4.65 4.68
CE MSE B 32 -4.97 -5.16 3.37
N ASP B 33 -4.67 -7.55 9.38
CA ASP B 33 -3.89 -8.59 10.04
C ASP B 33 -4.68 -9.89 10.19
N LYS B 34 -4.90 -10.56 9.06
CA LYS B 34 -5.48 -11.90 9.02
C LYS B 34 -4.63 -12.73 8.07
N PRO B 35 -4.44 -14.03 8.39
CA PRO B 35 -3.54 -14.86 7.58
C PRO B 35 -3.95 -14.93 6.10
N GLU B 36 -5.25 -14.95 5.82
CA GLU B 36 -5.73 -15.00 4.45
C GLU B 36 -5.38 -13.70 3.70
N ILE B 37 -5.34 -12.59 4.43
CA ILE B 37 -5.02 -11.31 3.82
C ILE B 37 -3.50 -11.20 3.60
N VAL B 38 -2.74 -11.63 4.59
CA VAL B 38 -1.28 -11.71 4.42
C VAL B 38 -0.97 -12.55 3.19
N ALA B 39 -1.67 -13.67 3.04
CA ALA B 39 -1.46 -14.57 1.90
C ALA B 39 -1.79 -13.89 0.58
N ALA B 40 -2.86 -13.09 0.56
CA ALA B 40 -3.22 -12.37 -0.64
C ALA B 40 -2.18 -11.30 -0.98
N MSE B 41 -1.63 -10.65 0.04
CA MSE B 41 -0.63 -9.62 -0.22
C MSE B 41 0.63 -10.22 -0.82
O MSE B 41 1.25 -9.64 -1.71
CB MSE B 41 -0.24 -8.88 1.06
CG MSE B 41 -1.32 -8.73 2.08
SE MSE B 41 -0.50 -7.84 3.64
CE MSE B 41 -0.78 -6.15 2.95
N ALA B 42 1.04 -11.37 -0.31
CA ALA B 42 2.23 -12.06 -0.81
C ALA B 42 2.03 -12.48 -2.25
N GLN B 43 0.86 -13.04 -2.55
CA GLN B 43 0.58 -13.45 -3.92
C GLN B 43 0.58 -12.25 -4.86
N ALA B 44 -0.06 -11.17 -4.42
CA ALA B 44 -0.11 -9.94 -5.21
C ALA B 44 1.31 -9.42 -5.48
N ALA B 45 2.13 -9.35 -4.43
CA ALA B 45 3.50 -8.87 -4.58
C ALA B 45 4.32 -9.76 -5.52
N ALA B 46 4.21 -11.08 -5.35
CA ALA B 46 4.96 -12.01 -6.21
C ALA B 46 4.58 -11.88 -7.69
N SER B 47 3.33 -11.54 -7.97
CA SER B 47 2.92 -11.42 -9.37
C SER B 47 3.42 -10.12 -10.00
N ALA B 48 3.95 -9.21 -9.19
CA ALA B 48 4.23 -7.86 -9.65
C ALA B 48 5.67 -7.38 -9.43
N GLY B 49 6.59 -8.32 -9.26
CA GLY B 49 8.00 -7.95 -9.19
C GLY B 49 8.80 -8.52 -8.02
N ALA B 50 8.10 -8.96 -6.97
CA ALA B 50 8.77 -9.50 -5.79
C ALA B 50 9.46 -10.82 -6.09
N VAL B 51 10.77 -10.89 -5.86
CA VAL B 51 11.50 -12.13 -6.12
C VAL B 51 11.37 -13.08 -4.93
N ALA B 52 10.94 -12.52 -3.81
CA ALA B 52 10.76 -13.28 -2.57
C ALA B 52 9.94 -12.44 -1.62
N VAL B 53 9.37 -13.07 -0.62
CA VAL B 53 8.62 -12.34 0.40
C VAL B 53 9.12 -12.69 1.78
N ARG B 54 8.96 -11.78 2.72
CA ARG B 54 9.21 -12.07 4.13
C ARG B 54 7.89 -12.18 4.87
N ILE B 55 7.70 -13.30 5.56
CA ILE B 55 6.46 -13.56 6.28
C ILE B 55 6.78 -13.79 7.76
N GLU B 56 5.97 -13.21 8.66
CA GLU B 56 6.15 -13.43 10.09
C GLU B 56 5.04 -14.30 10.67
N GLY B 57 5.39 -15.26 11.51
CA GLY B 57 4.39 -16.06 12.19
C GLY B 57 4.04 -17.35 11.47
N ILE B 58 3.77 -18.39 12.25
CA ILE B 58 3.49 -19.70 11.71
C ILE B 58 2.12 -19.78 11.04
N GLU B 59 1.13 -19.18 11.69
CA GLU B 59 -0.23 -19.14 11.15
CA GLU B 59 -0.23 -19.17 11.14
C GLU B 59 -0.24 -18.48 9.77
N ASN B 60 0.43 -17.34 9.66
CA ASN B 60 0.56 -16.66 8.38
C ASN B 60 1.30 -17.52 7.36
N LEU B 61 2.45 -18.06 7.75
CA LEU B 61 3.30 -18.83 6.83
C LEU B 61 2.58 -20.05 6.23
N ARG B 62 1.95 -20.84 7.09
CA ARG B 62 1.21 -22.02 6.64
C ARG B 62 0.12 -21.65 5.64
N THR B 63 -0.55 -20.54 5.90
CA THR B 63 -1.65 -20.07 5.06
C THR B 63 -1.13 -19.61 3.69
N VAL B 64 0.04 -18.97 3.72
CA VAL B 64 0.69 -18.40 2.53
C VAL B 64 1.32 -19.46 1.64
N ARG B 65 2.04 -20.40 2.27
CA ARG B 65 2.92 -21.33 1.57
C ARG B 65 2.38 -22.05 0.34
N PRO B 66 1.20 -22.68 0.45
CA PRO B 66 0.69 -23.51 -0.66
C PRO B 66 0.38 -22.70 -1.92
N HIS B 67 0.16 -21.40 -1.77
CA HIS B 67 -0.28 -20.57 -2.89
C HIS B 67 0.82 -19.65 -3.40
N LEU B 68 2.06 -19.91 -2.99
CA LEU B 68 3.16 -19.03 -3.38
C LEU B 68 4.29 -19.83 -4.00
N SER B 69 4.80 -19.35 -5.13
CA SER B 69 5.82 -20.09 -5.86
C SER B 69 7.21 -19.50 -5.67
N VAL B 70 7.28 -18.30 -5.11
CA VAL B 70 8.57 -17.66 -4.83
C VAL B 70 9.06 -18.05 -3.44
N PRO B 71 10.36 -17.86 -3.19
CA PRO B 71 10.89 -18.22 -1.86
C PRO B 71 10.28 -17.35 -0.77
N ILE B 72 10.14 -17.93 0.41
CA ILE B 72 9.65 -17.22 1.57
C ILE B 72 10.75 -17.12 2.61
N ILE B 73 11.02 -15.90 3.06
CA ILE B 73 11.91 -15.64 4.18
C ILE B 73 11.02 -15.65 5.42
N GLY B 74 11.22 -16.62 6.30
CA GLY B 74 10.35 -16.73 7.46
C GLY B 74 10.98 -16.21 8.73
N ILE B 75 10.17 -15.55 9.56
CA ILE B 75 10.59 -15.15 10.88
C ILE B 75 9.45 -15.33 11.88
N ILE B 76 9.81 -15.37 13.16
CA ILE B 76 8.85 -15.27 14.24
C ILE B 76 9.32 -14.12 15.11
N LYS B 77 8.47 -13.13 15.34
CA LYS B 77 8.85 -11.96 16.08
C LYS B 77 8.31 -12.06 17.50
N ARG B 78 9.17 -11.92 18.49
CA ARG B 78 8.78 -12.14 19.89
C ARG B 78 8.91 -10.87 20.73
N ASP B 79 8.22 -10.88 21.86
CA ASP B 79 8.21 -9.75 22.79
C ASP B 79 8.65 -10.17 24.18
N LEU B 80 8.57 -11.46 24.47
CA LEU B 80 8.59 -11.93 25.85
C LEU B 80 9.77 -12.87 26.21
N THR B 81 10.89 -12.75 25.50
CA THR B 81 12.04 -13.61 25.73
C THR B 81 12.83 -13.21 26.98
N GLY B 82 12.59 -11.99 27.45
CA GLY B 82 13.36 -11.47 28.56
C GLY B 82 14.68 -10.89 28.08
N SER B 83 14.83 -10.71 26.77
CA SER B 83 16.00 -10.05 26.21
C SER B 83 15.54 -9.10 25.11
N PRO B 84 16.45 -8.26 24.59
CA PRO B 84 16.03 -7.34 23.51
C PRO B 84 15.89 -7.99 22.13
N VAL B 85 16.28 -9.24 22.00
CA VAL B 85 16.19 -9.92 20.71
C VAL B 85 14.75 -10.34 20.41
N ARG B 86 14.24 -9.96 19.24
CA ARG B 86 12.86 -10.24 18.87
C ARG B 86 12.75 -11.20 17.68
N ILE B 87 13.67 -11.09 16.74
CA ILE B 87 13.56 -11.85 15.49
C ILE B 87 14.13 -13.28 15.56
N THR B 88 13.22 -14.24 15.63
CA THR B 88 13.53 -15.66 15.62
C THR B 88 14.60 -16.05 16.66
N PRO B 89 14.28 -15.84 17.93
CA PRO B 89 15.26 -16.02 19.01
C PRO B 89 15.47 -17.46 19.48
N TYR B 90 14.51 -18.36 19.24
CA TYR B 90 14.61 -19.71 19.78
C TYR B 90 14.88 -20.78 18.73
N LEU B 91 15.52 -21.87 19.14
CA LEU B 91 15.71 -23.02 18.27
C LEU B 91 14.37 -23.59 17.80
N GLN B 92 13.38 -23.59 18.70
CA GLN B 92 12.06 -24.10 18.35
C GLN B 92 11.35 -23.19 17.32
N ASP B 93 11.73 -21.92 17.29
CA ASP B 93 11.19 -21.02 16.27
C ASP B 93 11.73 -21.41 14.91
N VAL B 94 13.04 -21.70 14.85
CA VAL B 94 13.63 -22.22 13.62
C VAL B 94 12.95 -23.50 13.18
N ASP B 95 12.75 -24.43 14.11
CA ASP B 95 12.06 -25.68 13.81
C ASP B 95 10.68 -25.43 13.21
N ALA B 96 9.91 -24.52 13.82
CA ALA B 96 8.53 -24.29 13.40
C ALA B 96 8.46 -23.61 12.04
N LEU B 97 9.36 -22.68 11.79
CA LEU B 97 9.42 -22.01 10.48
C LEU B 97 9.77 -23.00 9.38
N ALA B 98 10.72 -23.89 9.68
CA ALA B 98 11.13 -24.92 8.73
C ALA B 98 9.96 -25.85 8.43
N GLN B 99 9.33 -26.33 9.49
CA GLN B 99 8.21 -27.26 9.32
C GLN B 99 7.05 -26.63 8.52
N ALA B 100 6.92 -25.32 8.61
CA ALA B 100 5.81 -24.60 7.97
C ALA B 100 6.06 -24.20 6.52
N GLY B 101 7.27 -24.45 6.02
CA GLY B 101 7.56 -24.23 4.61
C GLY B 101 8.47 -23.06 4.27
N ALA B 102 9.07 -22.44 5.26
CA ALA B 102 10.05 -21.37 4.98
C ALA B 102 11.23 -21.89 4.13
N ASP B 103 11.70 -21.06 3.20
CA ASP B 103 12.85 -21.44 2.38
C ASP B 103 14.13 -20.84 2.96
N ILE B 104 13.98 -19.65 3.54
CA ILE B 104 15.08 -18.92 4.15
C ILE B 104 14.61 -18.55 5.54
N ILE B 105 15.45 -18.78 6.54
CA ILE B 105 15.13 -18.36 7.90
C ILE B 105 15.95 -17.14 8.25
N ALA B 106 15.28 -16.05 8.63
CA ALA B 106 15.98 -14.86 9.09
C ALA B 106 15.96 -14.80 10.60
N PHE B 107 17.01 -14.20 11.17
CA PHE B 107 17.11 -14.12 12.62
C PHE B 107 17.96 -12.94 13.03
N ASP B 108 17.69 -12.43 14.22
CA ASP B 108 18.46 -11.35 14.82
C ASP B 108 19.91 -11.82 15.00
N ALA B 109 20.86 -11.10 14.41
CA ALA B 109 22.26 -11.47 14.47
C ALA B 109 23.08 -10.40 15.19
N SER B 110 22.43 -9.70 16.12
CA SER B 110 23.05 -8.60 16.86
C SER B 110 23.83 -9.11 18.07
N PHE B 111 24.82 -8.33 18.50
CA PHE B 111 25.64 -8.71 19.64
C PHE B 111 24.97 -8.25 20.92
N ARG B 112 23.79 -8.79 21.18
CA ARG B 112 23.03 -8.45 22.38
C ARG B 112 22.75 -9.70 23.21
N SER B 113 22.37 -9.50 24.46
CA SER B 113 21.93 -10.61 25.31
C SER B 113 20.80 -11.33 24.59
N ARG B 114 20.70 -12.64 24.76
CA ARG B 114 19.80 -13.46 23.96
C ARG B 114 19.77 -14.87 24.54
N PRO B 115 18.64 -15.57 24.37
CA PRO B 115 18.52 -16.92 24.95
C PRO B 115 19.30 -17.99 24.18
N VAL B 116 19.52 -17.76 22.90
CA VAL B 116 20.24 -18.72 22.07
C VAL B 116 21.31 -18.01 21.28
N ASP B 117 22.53 -18.56 21.25
CA ASP B 117 23.62 -17.92 20.56
C ASP B 117 23.47 -18.05 19.05
N ILE B 118 24.14 -17.18 18.31
CA ILE B 118 23.96 -17.09 16.86
C ILE B 118 24.41 -18.38 16.16
N ASP B 119 25.51 -18.95 16.64
CA ASP B 119 26.02 -20.19 16.07
C ASP B 119 25.01 -21.33 16.19
N SER B 120 24.37 -21.45 17.33
CA SER B 120 23.38 -22.51 17.52
C SER B 120 22.17 -22.31 16.59
N LEU B 121 21.72 -21.08 16.44
CA LEU B 121 20.59 -20.80 15.55
C LEU B 121 20.95 -21.20 14.12
N LEU B 122 22.11 -20.74 13.65
CA LEU B 122 22.56 -21.05 12.30
C LEU B 122 22.72 -22.55 12.09
N THR B 123 23.33 -23.23 13.06
CA THR B 123 23.44 -24.68 13.00
C THR B 123 22.04 -25.28 12.86
N ARG B 124 21.07 -24.75 13.59
CA ARG B 124 19.71 -25.28 13.57
C ARG B 124 19.07 -25.08 12.18
N ILE B 125 19.31 -23.90 11.61
CA ILE B 125 18.86 -23.61 10.25
C ILE B 125 19.46 -24.60 9.25
N ARG B 126 20.76 -24.82 9.35
CA ARG B 126 21.48 -25.73 8.45
C ARG B 126 21.02 -27.18 8.59
N LEU B 127 20.63 -27.57 9.81
CA LEU B 127 20.15 -28.92 10.06
C LEU B 127 18.89 -29.20 9.26
N HIS B 128 18.12 -28.16 8.99
CA HIS B 128 16.89 -28.30 8.21
C HIS B 128 17.17 -28.12 6.73
N GLY B 129 18.45 -27.92 6.41
CA GLY B 129 18.87 -27.76 5.03
C GLY B 129 18.38 -26.47 4.38
N LEU B 130 18.11 -25.45 5.19
CA LEU B 130 17.60 -24.18 4.66
C LEU B 130 18.67 -23.10 4.61
N LEU B 131 18.45 -22.08 3.80
CA LEU B 131 19.33 -20.92 3.74
C LEU B 131 19.08 -20.01 4.94
N ALA B 132 20.11 -19.27 5.35
CA ALA B 132 19.97 -18.41 6.50
C ALA B 132 20.15 -16.95 6.10
N MSE B 133 19.47 -16.06 6.83
CA MSE B 133 19.61 -14.64 6.62
C MSE B 133 19.85 -13.95 7.96
O MSE B 133 19.08 -14.12 8.90
CB MSE B 133 18.37 -14.07 5.94
CG MSE B 133 18.33 -12.56 6.02
SE MSE B 133 16.99 -11.73 4.85
CE MSE B 133 17.42 -9.90 5.38
N ALA B 134 20.93 -13.18 8.03
CA ALA B 134 21.30 -12.52 9.27
C ALA B 134 20.75 -11.11 9.29
N ASP B 135 19.83 -10.84 10.19
CA ASP B 135 19.34 -9.48 10.40
C ASP B 135 20.31 -8.75 11.33
N CYS B 136 21.05 -7.78 10.78
CA CYS B 136 22.14 -7.16 11.53
C CYS B 136 21.91 -5.69 11.79
N SER B 137 22.60 -5.15 12.80
CA SER B 137 22.45 -3.74 13.14
C SER B 137 23.70 -2.91 12.86
N THR B 138 24.86 -3.56 12.77
CA THR B 138 26.13 -2.86 12.48
C THR B 138 26.94 -3.58 11.43
N VAL B 139 27.88 -2.86 10.81
CA VAL B 139 28.81 -3.47 9.87
C VAL B 139 29.52 -4.66 10.52
N ASN B 140 30.00 -4.47 11.74
CA ASN B 140 30.73 -5.53 12.46
C ASN B 140 29.90 -6.81 12.61
N GLU B 141 28.61 -6.66 12.87
CA GLU B 141 27.72 -7.81 12.97
C GLU B 141 27.58 -8.52 11.62
N GLY B 142 27.44 -7.74 10.55
CA GLY B 142 27.36 -8.30 9.20
C GLY B 142 28.63 -9.02 8.76
N ILE B 143 29.79 -8.46 9.08
CA ILE B 143 31.05 -9.11 8.74
C ILE B 143 31.18 -10.44 9.45
N SER B 144 30.86 -10.44 10.74
CA SER B 144 30.93 -11.66 11.53
C SER B 144 30.10 -12.77 10.89
N CYS B 145 28.86 -12.44 10.52
CA CYS B 145 27.97 -13.42 9.90
C CYS B 145 28.44 -13.82 8.51
N HIS B 146 29.03 -12.89 7.77
CA HIS B 146 29.63 -13.20 6.48
C HIS B 146 30.71 -14.26 6.65
N GLN B 147 31.48 -14.15 7.73
CA GLN B 147 32.56 -15.08 7.96
C GLN B 147 32.05 -16.47 8.33
N LYS B 148 30.78 -16.55 8.72
CA LYS B 148 30.14 -17.84 9.00
C LYS B 148 29.59 -18.47 7.74
N GLY B 149 29.57 -17.71 6.65
CA GLY B 149 29.13 -18.24 5.38
C GLY B 149 27.63 -18.06 5.17
N ILE B 150 27.02 -17.21 5.98
CA ILE B 150 25.60 -16.89 5.85
C ILE B 150 25.33 -16.17 4.53
N GLU B 151 24.34 -16.67 3.81
CA GLU B 151 24.10 -16.29 2.42
C GLU B 151 23.57 -14.88 2.24
N PHE B 152 22.70 -14.45 3.16
CA PHE B 152 22.10 -13.13 3.07
C PHE B 152 22.38 -12.32 4.32
N ILE B 153 22.95 -11.14 4.13
CA ILE B 153 23.23 -10.24 5.24
C ILE B 153 22.32 -9.02 5.15
N GLY B 154 21.37 -8.89 6.07
CA GLY B 154 20.43 -7.78 6.06
C GLY B 154 20.82 -6.65 6.98
N THR B 155 20.44 -5.43 6.60
CA THR B 155 20.68 -4.26 7.45
C THR B 155 19.44 -4.01 8.29
N THR B 156 18.61 -5.05 8.36
CA THR B 156 17.29 -4.99 8.98
C THR B 156 17.21 -4.27 10.32
N LEU B 157 18.18 -4.49 11.19
CA LEU B 157 18.10 -4.02 12.57
C LEU B 157 18.79 -2.68 12.80
N SER B 158 19.44 -2.16 11.77
CA SER B 158 20.14 -0.89 11.94
C SER B 158 19.15 0.24 12.23
N GLY B 159 19.33 0.87 13.39
CA GLY B 159 18.44 1.91 13.87
C GLY B 159 17.35 1.38 14.78
N TYR B 160 17.37 0.09 15.08
CA TYR B 160 16.30 -0.53 15.87
C TYR B 160 16.77 -1.19 17.15
N THR B 161 17.98 -0.83 17.57
CA THR B 161 18.54 -1.44 18.78
C THR B 161 18.66 -0.38 19.88
N GLY B 162 18.41 0.87 19.51
CA GLY B 162 18.46 1.97 20.44
C GLY B 162 17.16 2.77 20.43
N PRO B 163 17.09 3.83 21.25
CA PRO B 163 15.88 4.63 21.39
C PRO B 163 15.60 5.51 20.18
N ILE B 164 16.65 5.84 19.43
CA ILE B 164 16.51 6.75 18.29
C ILE B 164 16.62 6.00 16.97
N THR B 165 15.57 6.11 16.15
CA THR B 165 15.60 5.56 14.81
C THR B 165 15.82 6.70 13.81
N PRO B 166 16.89 6.61 13.01
CA PRO B 166 17.14 7.64 12.00
C PRO B 166 16.00 7.68 10.97
N VAL B 167 15.80 8.84 10.34
CA VAL B 167 14.79 8.94 9.30
C VAL B 167 15.24 8.22 8.04
N GLU B 168 16.46 8.50 7.62
CA GLU B 168 17.01 7.92 6.40
C GLU B 168 17.50 6.49 6.63
N PRO B 169 17.41 5.64 5.60
CA PRO B 169 17.97 4.29 5.71
C PRO B 169 19.49 4.30 5.85
N ASP B 170 20.02 3.22 6.41
CA ASP B 170 21.46 3.10 6.64
C ASP B 170 22.18 2.67 5.36
N LEU B 171 22.44 3.63 4.48
CA LEU B 171 23.06 3.32 3.20
C LEU B 171 24.55 3.06 3.32
N ALA B 172 25.19 3.71 4.29
CA ALA B 172 26.61 3.53 4.52
C ALA B 172 26.88 2.07 4.85
N MSE B 173 26.00 1.50 5.68
CA MSE B 173 26.19 0.11 6.07
C MSE B 173 26.09 -0.82 4.85
O MSE B 173 26.81 -1.81 4.76
CB MSE B 173 25.17 -0.29 7.13
CG MSE B 173 25.35 -1.71 7.63
SE MSE B 173 24.06 -2.04 9.03
CE MSE B 173 24.31 -3.97 9.24
N VAL B 174 25.20 -0.49 3.92
CA VAL B 174 25.08 -1.27 2.67
C VAL B 174 26.39 -1.27 1.90
N THR B 175 26.92 -0.07 1.67
CA THR B 175 28.19 0.06 0.95
C THR B 175 29.33 -0.71 1.62
N GLN B 176 29.51 -0.49 2.91
CA GLN B 176 30.60 -1.15 3.62
C GLN B 176 30.50 -2.67 3.57
N LEU B 177 29.30 -3.22 3.77
CA LEU B 177 29.13 -4.67 3.72
C LEU B 177 29.30 -5.19 2.30
N SER B 178 28.80 -4.43 1.33
CA SER B 178 28.94 -4.82 -0.06
C SER B 178 30.41 -4.91 -0.44
N HIS B 179 31.19 -3.92 0.03
CA HIS B 179 32.61 -3.88 -0.28
C HIS B 179 33.35 -5.04 0.38
N ALA B 180 32.79 -5.57 1.45
CA ALA B 180 33.37 -6.72 2.15
C ALA B 180 32.97 -8.05 1.52
N GLY B 181 32.24 -8.01 0.41
CA GLY B 181 31.87 -9.23 -0.29
C GLY B 181 30.54 -9.83 0.15
N CYS B 182 29.77 -9.11 0.97
CA CYS B 182 28.47 -9.63 1.42
C CYS B 182 27.39 -9.57 0.34
N ARG B 183 26.50 -10.56 0.34
CA ARG B 183 25.28 -10.47 -0.43
C ARG B 183 24.31 -9.69 0.44
N VAL B 184 24.22 -8.38 0.20
CA VAL B 184 23.53 -7.50 1.12
C VAL B 184 22.06 -7.33 0.79
N ILE B 185 21.20 -7.56 1.76
CA ILE B 185 19.78 -7.21 1.60
C ILE B 185 19.49 -5.95 2.40
N ALA B 186 19.29 -4.83 1.69
CA ALA B 186 18.98 -3.57 2.34
C ALA B 186 17.54 -3.62 2.85
N GLU B 187 17.38 -3.39 4.16
CA GLU B 187 16.08 -3.54 4.80
C GLU B 187 15.98 -2.54 5.94
N GLY B 188 14.88 -1.79 5.98
CA GLY B 188 14.71 -0.74 6.97
C GLY B 188 14.61 0.65 6.34
N ARG B 189 13.38 1.14 6.26
CA ARG B 189 13.09 2.53 5.84
C ARG B 189 13.30 2.80 4.35
N TYR B 190 13.30 1.74 3.54
CA TYR B 190 13.32 1.94 2.10
C TYR B 190 11.90 2.08 1.59
N ASN B 191 11.26 3.20 1.92
CA ASN B 191 9.85 3.39 1.67
C ASN B 191 9.49 4.32 0.53
N THR B 192 10.48 4.68 -0.27
CA THR B 192 10.21 5.27 -1.58
C THR B 192 11.01 4.51 -2.62
N PRO B 193 10.50 4.47 -3.86
CA PRO B 193 11.27 3.81 -4.92
C PRO B 193 12.66 4.43 -5.06
N ALA B 194 12.77 5.74 -4.87
CA ALA B 194 14.06 6.43 -4.99
C ALA B 194 15.08 5.92 -3.96
N LEU B 195 14.62 5.69 -2.73
CA LEU B 195 15.49 5.14 -1.71
C LEU B 195 15.91 3.71 -2.03
N ALA B 196 14.99 2.91 -2.56
CA ALA B 196 15.32 1.54 -2.95
C ALA B 196 16.39 1.54 -4.04
N ALA B 197 16.25 2.44 -5.00
CA ALA B 197 17.24 2.61 -6.06
C ALA B 197 18.59 2.95 -5.47
N ASN B 198 18.60 3.84 -4.48
CA ASN B 198 19.83 4.28 -3.85
C ASN B 198 20.55 3.12 -3.20
N ALA B 199 19.79 2.21 -2.58
CA ALA B 199 20.38 1.05 -1.95
C ALA B 199 21.11 0.20 -2.99
N ILE B 200 20.48 -0.01 -4.14
CA ILE B 200 21.11 -0.78 -5.21
C ILE B 200 22.40 -0.08 -5.66
N GLU B 201 22.34 1.23 -5.84
CA GLU B 201 23.52 1.99 -6.25
C GLU B 201 24.63 1.90 -5.20
N HIS B 202 24.25 1.68 -3.94
CA HIS B 202 25.21 1.58 -2.85
C HIS B 202 25.77 0.17 -2.67
N GLY B 203 25.36 -0.74 -3.54
CA GLY B 203 25.90 -2.10 -3.54
C GLY B 203 24.98 -3.18 -3.01
N ALA B 204 23.73 -2.83 -2.70
CA ALA B 204 22.74 -3.81 -2.28
C ALA B 204 22.46 -4.83 -3.38
N TRP B 205 22.38 -6.10 -3.01
CA TRP B 205 21.96 -7.16 -3.92
C TRP B 205 20.44 -7.09 -4.10
N ALA B 206 19.74 -6.86 -2.99
CA ALA B 206 18.29 -6.71 -3.04
C ALA B 206 17.81 -5.78 -1.94
N VAL B 207 16.60 -5.26 -2.10
CA VAL B 207 16.02 -4.36 -1.11
C VAL B 207 14.72 -4.98 -0.61
N THR B 208 14.56 -5.06 0.70
CA THR B 208 13.29 -5.51 1.26
C THR B 208 12.43 -4.29 1.63
N VAL B 209 11.25 -4.20 1.03
CA VAL B 209 10.30 -3.14 1.32
C VAL B 209 9.10 -3.73 2.04
N GLY B 210 8.71 -3.10 3.14
CA GLY B 210 7.57 -3.56 3.92
C GLY B 210 6.45 -2.53 4.04
N SER B 211 6.61 -1.58 4.97
CA SER B 211 5.53 -0.66 5.28
C SER B 211 4.92 0.01 4.03
N ALA B 212 5.76 0.47 3.10
CA ALA B 212 5.25 1.24 1.96
C ALA B 212 4.36 0.41 1.02
N ILE B 213 4.39 -0.91 1.20
CA ILE B 213 3.62 -1.81 0.34
C ILE B 213 2.49 -2.50 1.12
N THR B 214 2.77 -2.91 2.35
CA THR B 214 1.84 -3.77 3.09
C THR B 214 1.32 -3.25 4.45
N ARG B 215 1.62 -2.00 4.80
CA ARG B 215 1.07 -1.45 6.03
C ARG B 215 0.22 -0.22 5.74
N ILE B 216 -1.06 -0.46 5.42
CA ILE B 216 -1.98 0.61 4.98
C ILE B 216 -2.02 1.75 5.99
N GLU B 217 -2.05 1.42 7.28
CA GLU B 217 -2.11 2.46 8.31
C GLU B 217 -0.87 3.36 8.27
N HIS B 218 0.31 2.79 8.02
CA HIS B 218 1.50 3.63 7.95
C HIS B 218 1.41 4.55 6.73
N ILE B 219 1.02 3.98 5.59
CA ILE B 219 0.98 4.76 4.37
C ILE B 219 -0.03 5.89 4.52
N CYS B 220 -1.19 5.58 5.06
CA CYS B 220 -2.19 6.60 5.33
C CYS B 220 -1.65 7.72 6.22
N GLN B 221 -0.87 7.36 7.24
CA GLN B 221 -0.33 8.39 8.11
CA GLN B 221 -0.27 8.35 8.13
C GLN B 221 0.61 9.31 7.35
N TRP B 222 1.43 8.74 6.46
CA TRP B 222 2.36 9.57 5.69
C TRP B 222 1.59 10.59 4.85
N PHE B 223 0.51 10.14 4.20
CA PHE B 223 -0.29 11.03 3.37
C PHE B 223 -1.09 12.00 4.22
N SER B 224 -1.63 11.52 5.33
CA SER B 224 -2.40 12.38 6.22
C SER B 224 -1.52 13.50 6.79
N HIS B 225 -0.31 13.18 7.21
CA HIS B 225 0.62 14.20 7.69
CA HIS B 225 0.59 14.21 7.70
C HIS B 225 0.86 15.26 6.62
N ALA B 226 0.96 14.81 5.37
CA ALA B 226 1.22 15.70 4.24
C ALA B 226 0.08 16.67 3.95
N VAL B 227 -1.16 16.18 3.98
CA VAL B 227 -2.31 17.03 3.66
C VAL B 227 -2.75 17.90 4.83
N LYS B 228 -2.39 17.52 6.05
CA LYS B 228 -2.79 18.26 7.23
C LYS B 228 -2.24 19.68 7.24
N ARG B 229 -3.11 20.63 7.60
CA ARG B 229 -2.75 22.04 7.66
C ARG B 229 -4.02 22.86 7.82
C1 PEG C . -13.19 6.59 -19.16
O1 PEG C . -12.14 6.87 -20.11
C2 PEG C . -12.58 5.80 -18.01
O2 PEG C . -13.11 6.16 -16.75
C3 PEG C . -12.12 5.82 -15.77
C4 PEG C . -12.50 4.55 -15.01
O4 PEG C . -11.96 3.43 -15.66
C1 PEG D . -2.78 5.47 -13.93
O1 PEG D . -2.49 6.84 -14.15
C2 PEG D . -3.93 5.37 -12.93
O2 PEG D . -3.39 5.18 -11.63
C3 PEG D . -4.39 5.35 -10.62
C4 PEG D . -4.60 6.85 -10.44
O4 PEG D . -3.70 7.33 -9.44
C1 PEG E . 4.21 7.04 -9.08
O1 PEG E . 4.44 6.21 -10.21
C2 PEG E . 5.55 7.55 -8.58
O2 PEG E . 6.14 6.56 -7.73
C3 PEG E . 7.06 7.14 -6.82
C4 PEG E . 8.21 7.76 -7.60
O4 PEG E . 9.03 6.72 -8.15
C1 PEG F . -15.71 -6.66 -7.49
O1 PEG F . -16.55 -7.45 -6.63
C2 PEG F . -14.77 -5.78 -6.64
O2 PEG F . -13.93 -5.01 -7.47
C3 PEG F . -12.90 -4.34 -6.72
C4 PEG F . -12.73 -2.90 -7.21
O4 PEG F . -11.35 -2.68 -7.49
C1 PEG G . -28.62 16.70 -2.25
O1 PEG G . -29.47 15.59 -1.96
C2 PEG G . -29.08 17.96 -1.53
O2 PEG G . -30.32 18.39 -2.08
C3 PEG G . -30.17 19.37 -3.12
C4 PEG G . -29.54 20.65 -2.56
O4 PEG G . -28.71 21.26 -3.55
C1 PEG H . -21.10 30.94 -22.10
O1 PEG H . -20.80 32.33 -21.99
C2 PEG H . -21.66 30.44 -20.78
O2 PEG H . -22.34 29.20 -20.98
C3 PEG H . -23.31 28.96 -19.98
C4 PEG H . -22.62 28.64 -18.66
O4 PEG H . -22.60 27.22 -18.48
C1 PEG I . -19.45 21.28 12.00
O1 PEG I . -19.41 22.30 10.99
C2 PEG I . -20.89 20.81 12.21
O2 PEG I . -20.89 19.42 12.50
C3 PEG I . -22.07 18.77 12.00
C4 PEG I . -23.24 19.13 12.90
O4 PEG I . -23.31 18.19 13.98
C1 PEG J . -25.22 -5.46 -25.37
O1 PEG J . -25.29 -4.34 -24.48
C2 PEG J . -25.56 -5.01 -26.78
O2 PEG J . -24.78 -5.75 -27.72
C3 PEG J . -23.71 -4.95 -28.24
C4 PEG J . -24.28 -3.89 -29.18
O4 PEG J . -23.63 -4.01 -30.45
C1 PEG K . -3.93 4.24 13.12
O1 PEG K . -2.57 4.36 12.68
C2 PEG K . -4.32 2.78 13.32
O2 PEG K . -3.18 2.00 13.67
C3 PEG K . -3.34 0.61 13.37
C4 PEG K . -3.84 -0.14 14.61
O4 PEG K . -4.84 -1.08 14.23
C1 PEG L . -26.65 11.32 4.60
O1 PEG L . -27.52 11.89 3.60
C2 PEG L . -26.02 10.04 4.07
O2 PEG L . -27.01 9.00 4.08
C3 PEG L . -26.56 7.81 4.74
C4 PEG L . -26.32 6.71 3.71
O4 PEG L . -27.38 5.77 3.77
C1 PEG M . -14.93 34.07 -7.12
O1 PEG M . -14.46 33.89 -5.78
C2 PEG M . -13.84 33.65 -8.11
O2 PEG M . -13.15 34.80 -8.59
C3 PEG M . -12.75 34.66 -9.95
C4 PEG M . -11.46 33.85 -10.04
O4 PEG M . -11.54 32.91 -11.12
C1 PEG N . -24.38 12.12 8.97
O1 PEG N . -23.97 13.27 9.72
C2 PEG N . -23.18 11.20 8.75
O2 PEG N . -23.62 9.86 8.54
C3 PEG N . -22.75 8.89 9.11
C4 PEG N . -21.59 8.64 8.15
O4 PEG N . -21.86 7.46 7.40
C1 PEG O . -25.99 -4.08 -19.48
O1 PEG O . -27.28 -3.56 -19.83
C2 PEG O . -25.16 -4.31 -20.74
O2 PEG O . -24.18 -3.29 -20.81
C3 PEG O . -24.22 -2.59 -22.05
C4 PEG O . -22.86 -2.70 -22.74
O4 PEG O . -23.02 -2.70 -24.15
C1 PEG P . -34.42 15.80 -14.78
O1 PEG P . -35.00 14.50 -14.73
C2 PEG P . -33.25 15.79 -15.75
O2 PEG P . -32.99 17.12 -16.21
C3 PEG P . -33.16 17.22 -17.62
C4 PEG P . -32.06 16.46 -18.35
O4 PEG P . -32.61 15.76 -19.46
C1 PEG Q . 0.97 -10.57 12.65
O1 PEG Q . 0.17 -11.53 11.95
C2 PEG Q . 1.85 -9.89 11.61
O2 PEG Q . 2.77 -10.87 11.15
C3 PEG Q . 3.44 -10.44 9.96
C4 PEG Q . 2.72 -11.01 8.75
O4 PEG Q . 3.67 -11.74 7.94
C1 PEG R . -0.82 -14.90 -7.60
O1 PEG R . -2.10 -15.55 -7.62
C2 PEG R . 0.22 -15.84 -7.01
O2 PEG R . 1.47 -15.55 -7.62
C3 PEG R . 2.12 -16.73 -8.07
C4 PEG R . 2.83 -17.39 -6.90
O4 PEG R . 4.17 -16.93 -6.87
C1 PEG S . 26.50 -11.89 -4.66
O1 PEG S . 25.56 -12.30 -5.66
C2 PEG S . 26.22 -10.44 -4.28
O2 PEG S . 26.91 -9.56 -5.18
C3 PEG S . 26.77 -8.19 -4.81
C4 PEG S . 25.39 -7.69 -5.27
O4 PEG S . 25.54 -6.78 -6.35
C1 PEG T . 11.90 -5.95 8.28
O1 PEG T . 12.05 -4.55 8.29
C2 PEG T . 11.75 -6.46 9.69
O2 PEG T . 11.38 -7.81 9.66
C3 PEG T . 10.42 -8.08 10.62
C4 PEG T . 10.42 -6.97 11.66
O4 PEG T . 9.07 -6.76 12.06
C1 BTB U . 11.00 -0.08 7.51
O1 BTB U . 10.93 1.30 7.89
C2 BTB U . 10.10 -0.95 8.38
C3 BTB U . 10.84 -1.32 9.65
O3 BTB U . 12.24 -1.32 9.36
C4 BTB U . 8.84 -0.16 8.70
O4 BTB U . 8.64 0.80 7.64
N BTB U . 9.79 -2.17 7.59
C5 BTB U . 8.93 -3.18 8.24
C6 BTB U . 8.96 -4.46 7.41
O6 BTB U . 7.66 -5.08 7.20
C7 BTB U . 9.16 -1.77 6.34
C8 BTB U . 10.17 -1.84 5.21
O8 BTB U . 10.01 -0.74 4.30
CL CL V . 7.11 -13.89 22.62
#